data_3B92
#
_entry.id   3B92
#
_cell.length_a   76.720
_cell.length_b   76.720
_cell.length_c   105.930
_cell.angle_alpha   90.00
_cell.angle_beta   90.00
_cell.angle_gamma   90.00
#
_symmetry.space_group_name_H-M   'P 42 21 2'
#
loop_
_entity.id
_entity.type
_entity.pdbx_description
1 polymer 'ADAM 17'
2 non-polymer 'ZINC ION'
3 non-polymer 3-{[4-(but-2-yn-1-yloxy)phenyl]sulfonyl}propane-1-thiol
4 water water
#
_entity_poly.entity_id   1
_entity_poly.type   'polypeptide(L)'
_entity_poly.pdbx_seq_one_letter_code
;ADPDPMKNTCKLLVVADHRFYRYMGRGEESTTTNYLIELIDRVDDIYRNTAWDNAGFKGYGIQIEQIRILKSPQEVKPGE
KHYNMAKSYPNEEKDAWDVKMLLEQFSFDIAEEASKVCLAHLFTYQDFDMGTLGLAYVGSPRANSHGGVCPKAYYSPVGK
KNIYLNSGLTSTKNYGKTILTKEADLVTTHELGHNFGAEHDPDGLAECAPNEDQGGKYVMYPIAVSGDHENNKMFSQCSK
QSIYKTIESKAQECFQERS
;
_entity_poly.pdbx_strand_id   A
#
loop_
_chem_comp.id
_chem_comp.type
_chem_comp.name
_chem_comp.formula
440 non-polymer 3-{[4-(but-2-yn-1-yloxy)phenyl]sulfonyl}propane-1-thiol 'C13 H16 O3 S2'
ZN non-polymer 'ZINC ION' 'Zn 2'
#
# COMPACT_ATOMS: atom_id res chain seq x y z
N ALA A 1 5.68 19.94 20.36
CA ALA A 1 4.78 18.91 19.76
C ALA A 1 4.71 19.04 18.24
N ASP A 2 4.93 20.25 17.74
CA ASP A 2 4.82 20.54 16.30
C ASP A 2 5.65 19.54 15.51
N PRO A 3 5.28 19.29 14.24
CA PRO A 3 5.91 18.22 13.45
C PRO A 3 7.43 18.21 13.47
N ASP A 4 7.99 17.49 14.44
CA ASP A 4 9.42 17.17 14.47
C ASP A 4 9.80 16.52 13.14
N PRO A 5 10.41 17.30 12.23
CA PRO A 5 10.68 16.91 10.85
C PRO A 5 11.63 15.71 10.76
N MET A 6 12.52 15.60 11.75
CA MET A 6 13.46 14.49 11.82
C MET A 6 12.70 13.16 11.72
N LYS A 7 11.38 13.24 11.91
CA LYS A 7 10.53 12.07 11.81
C LYS A 7 9.22 12.42 11.09
N ASN A 8 9.29 12.53 9.76
CA ASN A 8 8.11 12.86 8.97
C ASN A 8 7.99 11.99 7.72
N THR A 9 8.83 10.97 7.64
CA THR A 9 8.85 10.12 6.46
C THR A 9 8.76 8.65 6.83
N CYS A 10 7.73 7.99 6.30
CA CYS A 10 7.65 6.53 6.33
C CYS A 10 8.50 5.98 5.19
N LYS A 11 9.59 5.27 5.52
CA LYS A 11 10.47 4.67 4.51
C LYS A 11 9.88 3.37 3.97
N LEU A 12 10.03 3.15 2.67
CA LEU A 12 9.37 2.03 2.01
C LEU A 12 10.39 1.02 1.49
N LEU A 13 10.08 -0.25 1.68
CA LEU A 13 10.65 -1.29 0.83
C LEU A 13 9.65 -1.54 -0.30
N VAL A 14 10.11 -1.40 -1.53
CA VAL A 14 9.24 -1.64 -2.67
C VAL A 14 9.65 -2.91 -3.38
N VAL A 15 8.67 -3.77 -3.64
CA VAL A 15 8.96 -5.05 -4.27
C VAL A 15 8.15 -5.23 -5.55
N ALA A 16 8.85 -5.36 -6.67
CA ALA A 16 8.22 -5.73 -7.92
C ALA A 16 8.43 -7.21 -8.16
N ASP A 17 7.34 -7.97 -8.25
CA ASP A 17 7.47 -9.40 -8.53
C ASP A 17 7.67 -9.60 -10.03
N HIS A 18 7.86 -10.85 -10.44
CA HIS A 18 8.27 -11.10 -11.82
C HIS A 18 7.15 -10.73 -12.77
N ARG A 19 5.91 -10.87 -12.31
CA ARG A 19 4.77 -10.48 -13.12
C ARG A 19 4.85 -9.00 -13.48
N PHE A 20 5.04 -8.15 -12.47
CA PHE A 20 5.10 -6.72 -12.70
C PHE A 20 6.30 -6.41 -13.59
N TYR A 21 7.42 -7.05 -13.30
CA TYR A 21 8.64 -6.91 -14.08
C TYR A 21 8.38 -7.21 -15.56
N ARG A 22 7.64 -8.27 -15.83
CA ARG A 22 7.43 -8.74 -17.20
C ARG A 22 6.46 -7.86 -17.97
N TYR A 23 5.38 -7.43 -17.31
CA TYR A 23 4.25 -6.83 -17.98
C TYR A 23 4.15 -5.32 -17.81
N MET A 24 4.81 -4.78 -16.79
CA MET A 24 4.86 -3.34 -16.63
C MET A 24 6.25 -2.82 -16.97
N GLY A 25 7.28 -3.51 -16.49
CA GLY A 25 8.64 -3.08 -16.75
C GLY A 25 9.16 -3.60 -18.07
N ARG A 26 8.33 -4.38 -18.77
CA ARG A 26 8.70 -4.93 -20.07
C ARG A 26 10.01 -5.72 -19.97
N GLY A 27 10.20 -6.42 -18.86
CA GLY A 27 11.38 -7.26 -18.74
C GLY A 27 12.67 -6.46 -18.67
N GLU A 28 12.60 -5.25 -18.13
CA GLU A 28 13.79 -4.42 -17.95
C GLU A 28 13.85 -3.84 -16.55
N GLU A 29 15.03 -3.93 -15.93
CA GLU A 29 15.25 -3.43 -14.58
C GLU A 29 15.02 -1.92 -14.51
N SER A 30 15.51 -1.23 -15.54
CA SER A 30 15.46 0.23 -15.55
C SER A 30 14.02 0.74 -15.67
N THR A 31 13.32 0.22 -16.66
CA THR A 31 11.95 0.65 -16.93
C THR A 31 11.07 0.34 -15.73
N THR A 32 11.37 -0.77 -15.05
CA THR A 32 10.58 -1.18 -13.90
C THR A 32 10.79 -0.22 -12.74
N THR A 33 12.03 0.19 -12.54
CA THR A 33 12.39 0.94 -11.35
C THR A 33 11.88 2.37 -11.47
N ASN A 34 11.99 2.91 -12.69
CA ASN A 34 11.57 4.28 -12.92
C ASN A 34 10.06 4.44 -12.80
N TYR A 35 9.32 3.44 -13.25
CA TYR A 35 7.88 3.46 -13.05
C TYR A 35 7.56 3.62 -11.55
N LEU A 36 8.23 2.83 -10.73
CA LEU A 36 7.93 2.81 -9.30
C LEU A 36 8.46 4.04 -8.57
N ILE A 37 9.66 4.49 -8.93
CA ILE A 37 10.17 5.74 -8.39
C ILE A 37 9.19 6.89 -8.65
N GLU A 38 8.78 7.05 -9.92
CA GLU A 38 7.87 8.13 -10.28
C GLU A 38 6.51 8.03 -9.59
N LEU A 39 6.02 6.80 -9.41
CA LEU A 39 4.74 6.61 -8.78
C LEU A 39 4.83 7.00 -7.31
N ILE A 40 5.83 6.49 -6.60
CA ILE A 40 5.87 6.73 -5.15
C ILE A 40 6.02 8.22 -4.87
N ASP A 41 6.79 8.89 -5.71
CA ASP A 41 6.96 10.33 -5.61
C ASP A 41 5.64 11.08 -5.83
N ARG A 42 4.85 10.66 -6.81
CA ARG A 42 3.58 11.32 -7.04
C ARG A 42 2.62 11.08 -5.87
N VAL A 43 2.59 9.85 -5.37
CA VAL A 43 1.79 9.53 -4.18
C VAL A 43 2.26 10.35 -2.97
N ASP A 44 3.57 10.57 -2.88
CA ASP A 44 4.13 11.32 -1.77
C ASP A 44 3.60 12.75 -1.80
N ASP A 45 3.50 13.34 -3.00
CA ASP A 45 2.95 14.69 -3.16
C ASP A 45 1.59 14.81 -2.49
N ILE A 46 0.72 13.83 -2.68
CA ILE A 46 -0.61 13.88 -2.07
C ILE A 46 -0.55 13.81 -0.55
N TYR A 47 0.31 12.94 -0.01
CA TYR A 47 0.45 12.80 1.45
C TYR A 47 1.02 14.05 2.07
N ARG A 48 2.12 14.53 1.51
CA ARG A 48 2.85 15.63 2.11
C ARG A 48 2.04 16.93 2.08
N ASN A 49 1.08 17.03 1.18
CA ASN A 49 0.25 18.21 1.08
C ASN A 49 -0.96 18.12 2.00
N THR A 50 -1.18 16.94 2.58
CA THR A 50 -2.31 16.71 3.46
C THR A 50 -2.03 17.22 4.89
N ALA A 51 -2.89 18.10 5.38
CA ALA A 51 -2.76 18.61 6.74
C ALA A 51 -3.63 17.77 7.64
N TRP A 52 -3.03 16.73 8.22
CA TRP A 52 -3.78 15.69 8.92
C TRP A 52 -4.66 16.19 10.07
N ASP A 53 -4.18 17.20 10.78
CA ASP A 53 -5.00 17.80 11.83
C ASP A 53 -5.60 19.12 11.32
N ASN A 54 -5.56 19.32 10.01
CA ASN A 54 -6.10 20.53 9.40
C ASN A 54 -5.41 21.77 9.94
N ALA A 55 -4.29 21.57 10.62
CA ALA A 55 -3.50 22.67 11.18
C ALA A 55 -2.06 22.52 10.72
N GLY A 56 -1.15 22.43 11.69
CA GLY A 56 0.27 22.41 11.36
C GLY A 56 0.84 21.03 11.13
N PHE A 57 0.05 20.00 11.40
CA PHE A 57 0.56 18.64 11.28
C PHE A 57 0.47 18.14 9.85
N LYS A 58 1.48 18.52 9.05
CA LYS A 58 1.53 18.20 7.65
C LYS A 58 2.98 18.14 7.18
N GLY A 59 3.20 17.79 5.92
CA GLY A 59 4.55 17.57 5.43
C GLY A 59 5.00 16.14 5.71
N TYR A 60 4.04 15.25 5.97
CA TYR A 60 4.35 13.86 6.21
C TYR A 60 4.09 13.04 4.96
N GLY A 61 4.88 11.98 4.76
CA GLY A 61 4.67 11.16 3.59
C GLY A 61 5.57 9.95 3.54
N ILE A 62 5.99 9.62 2.33
CA ILE A 62 6.67 8.37 2.11
C ILE A 62 7.89 8.61 1.24
N GLN A 63 8.79 7.63 1.25
CA GLN A 63 9.97 7.66 0.39
C GLN A 63 10.52 6.26 0.27
N ILE A 64 10.88 5.86 -0.94
CA ILE A 64 11.51 4.57 -1.17
C ILE A 64 12.88 4.51 -0.50
N GLU A 65 13.10 3.46 0.29
CA GLU A 65 14.42 3.19 0.85
C GLU A 65 15.11 2.05 0.11
N GLN A 66 14.34 1.04 -0.29
CA GLN A 66 14.89 -0.05 -1.08
C GLN A 66 13.90 -0.58 -2.10
N ILE A 67 14.40 -0.83 -3.32
CA ILE A 67 13.60 -1.49 -4.34
C ILE A 67 14.10 -2.91 -4.56
N ARG A 68 13.19 -3.87 -4.49
CA ARG A 68 13.50 -5.24 -4.84
C ARG A 68 12.78 -5.67 -6.11
N ILE A 69 13.55 -6.01 -7.14
CA ILE A 69 13.01 -6.44 -8.41
C ILE A 69 13.26 -7.92 -8.63
N LEU A 70 12.19 -8.71 -8.59
CA LEU A 70 12.31 -10.14 -8.81
C LEU A 70 12.10 -10.43 -10.29
N LYS A 71 13.20 -10.59 -11.03
CA LYS A 71 13.12 -10.70 -12.48
C LYS A 71 12.50 -12.02 -12.93
N SER A 72 12.66 -13.07 -12.13
CA SER A 72 12.09 -14.37 -12.47
C SER A 72 11.27 -14.96 -11.32
N PRO A 73 10.35 -15.89 -11.64
CA PRO A 73 9.48 -16.52 -10.63
C PRO A 73 10.25 -17.40 -9.65
N GLN A 74 9.71 -17.53 -8.44
CA GLN A 74 10.40 -18.23 -7.38
C GLN A 74 10.27 -19.74 -7.53
N GLU A 75 11.42 -20.41 -7.62
CA GLU A 75 11.42 -21.87 -7.62
C GLU A 75 10.74 -22.38 -6.37
N VAL A 76 9.92 -23.41 -6.53
CA VAL A 76 9.07 -23.88 -5.44
C VAL A 76 8.82 -25.39 -5.57
N LYS A 77 8.88 -26.09 -4.44
CA LYS A 77 8.61 -27.52 -4.41
C LYS A 77 7.13 -27.77 -4.17
N PRO A 78 6.61 -28.92 -4.62
CA PRO A 78 5.20 -29.23 -4.39
C PRO A 78 4.86 -29.16 -2.91
N GLY A 79 3.75 -28.50 -2.60
CA GLY A 79 3.45 -28.15 -1.22
C GLY A 79 3.85 -26.72 -0.93
N GLU A 80 5.06 -26.37 -1.31
CA GLU A 80 5.58 -25.03 -1.07
C GLU A 80 4.76 -23.96 -1.79
N LYS A 81 4.67 -22.80 -1.17
CA LYS A 81 4.22 -21.62 -1.88
C LYS A 81 5.10 -20.41 -1.57
N HIS A 82 5.13 -19.46 -2.49
CA HIS A 82 5.89 -18.24 -2.33
C HIS A 82 5.22 -17.16 -3.16
N TYR A 83 5.16 -15.93 -2.63
CA TYR A 83 4.37 -14.88 -3.24
C TYR A 83 4.83 -14.57 -4.67
N ASN A 84 6.09 -14.87 -4.97
CA ASN A 84 6.64 -14.62 -6.30
C ASN A 84 6.66 -15.89 -7.17
N MET A 85 5.99 -16.95 -6.72
CA MET A 85 5.93 -18.19 -7.50
C MET A 85 5.08 -17.96 -8.74
N ALA A 86 5.26 -18.83 -9.74
CA ALA A 86 4.68 -18.62 -11.07
C ALA A 86 3.18 -18.89 -11.15
N LYS A 87 2.69 -19.80 -10.31
CA LYS A 87 1.27 -20.17 -10.30
C LYS A 87 0.52 -19.33 -9.28
N SER A 88 -0.76 -19.08 -9.55
CA SER A 88 -1.61 -18.39 -8.60
C SER A 88 -2.07 -19.38 -7.54
N TYR A 89 -2.21 -18.89 -6.31
CA TYR A 89 -2.78 -19.70 -5.23
C TYR A 89 -3.95 -18.93 -4.64
N PRO A 90 -4.98 -19.62 -4.16
CA PRO A 90 -5.09 -21.09 -4.17
C PRO A 90 -5.37 -21.68 -5.55
N ASN A 91 -6.37 -21.15 -6.24
CA ASN A 91 -6.82 -21.72 -7.49
C ASN A 91 -5.82 -21.41 -8.60
N GLU A 92 -5.07 -22.42 -9.05
CA GLU A 92 -3.99 -22.19 -9.99
C GLU A 92 -4.49 -21.96 -11.42
N GLU A 93 -5.81 -22.05 -11.59
CA GLU A 93 -6.44 -21.84 -12.90
C GLU A 93 -6.51 -20.35 -13.21
N LYS A 94 -6.65 -19.54 -12.17
CA LYS A 94 -6.92 -18.12 -12.35
C LYS A 94 -5.66 -17.35 -12.71
N ASP A 95 -5.86 -16.11 -13.14
CA ASP A 95 -4.76 -15.20 -13.45
C ASP A 95 -4.03 -14.84 -12.15
N ALA A 96 -4.79 -14.82 -11.05
CA ALA A 96 -4.32 -14.20 -9.83
C ALA A 96 -4.61 -15.03 -8.59
N TRP A 97 -3.87 -14.73 -7.52
CA TRP A 97 -4.12 -15.27 -6.21
C TRP A 97 -5.48 -14.82 -5.67
N ASP A 98 -5.91 -15.45 -4.60
CA ASP A 98 -6.83 -14.81 -3.66
C ASP A 98 -6.02 -13.71 -2.98
N VAL A 99 -6.57 -12.50 -2.95
CA VAL A 99 -5.78 -11.33 -2.55
C VAL A 99 -5.40 -11.36 -1.07
N LYS A 100 -6.33 -11.74 -0.20
CA LYS A 100 -6.01 -11.88 1.22
C LYS A 100 -4.87 -12.86 1.36
N MET A 101 -4.94 -13.94 0.61
CA MET A 101 -3.94 -14.99 0.68
C MET A 101 -2.60 -14.44 0.20
N LEU A 102 -2.62 -13.69 -0.89
CA LEU A 102 -1.41 -13.12 -1.42
C LEU A 102 -0.71 -12.22 -0.38
N LEU A 103 -1.48 -11.31 0.22
CA LEU A 103 -0.91 -10.36 1.16
C LEU A 103 -0.31 -11.09 2.37
N GLU A 104 -0.97 -12.15 2.83
CA GLU A 104 -0.40 -13.00 3.87
C GLU A 104 0.93 -13.60 3.41
N GLN A 105 0.93 -14.20 2.23
CA GLN A 105 2.12 -14.90 1.74
C GLN A 105 3.30 -13.95 1.68
N PHE A 106 3.07 -12.80 1.06
CA PHE A 106 4.08 -11.76 0.93
C PHE A 106 4.60 -11.35 2.30
N SER A 107 3.68 -11.18 3.25
CA SER A 107 4.07 -10.78 4.60
C SER A 107 4.98 -11.82 5.27
N PHE A 108 4.72 -13.09 4.98
CA PHE A 108 5.60 -14.17 5.45
C PHE A 108 6.97 -14.07 4.79
N ASP A 109 6.99 -14.11 3.46
CA ASP A 109 8.24 -14.22 2.72
C ASP A 109 9.14 -13.01 2.92
N ILE A 110 8.54 -11.85 3.13
CA ILE A 110 9.31 -10.62 3.12
C ILE A 110 9.59 -10.17 4.55
N ALA A 111 9.24 -11.03 5.50
CA ALA A 111 9.37 -10.75 6.92
C ALA A 111 10.69 -10.09 7.31
N GLU A 112 11.82 -10.71 6.94
CA GLU A 112 13.13 -10.23 7.38
C GLU A 112 13.31 -8.79 6.93
N GLU A 113 13.00 -8.53 5.68
CA GLU A 113 13.18 -7.21 5.09
C GLU A 113 12.24 -6.16 5.70
N ALA A 114 10.98 -6.54 5.87
CA ALA A 114 9.98 -5.62 6.39
C ALA A 114 10.35 -5.10 7.79
N SER A 115 11.16 -5.88 8.51
CA SER A 115 11.53 -5.50 9.88
C SER A 115 12.35 -4.23 9.86
N LYS A 116 13.06 -3.99 8.76
CA LYS A 116 13.99 -2.88 8.65
C LYS A 116 13.35 -1.56 8.23
N VAL A 117 12.07 -1.60 7.86
CA VAL A 117 11.40 -0.43 7.27
C VAL A 117 10.00 -0.17 7.82
N CYS A 118 9.55 1.08 7.70
CA CYS A 118 8.22 1.48 8.15
C CYS A 118 7.13 0.70 7.44
N LEU A 119 7.28 0.52 6.12
CA LEU A 119 6.33 -0.27 5.33
C LEU A 119 7.01 -1.04 4.20
N ALA A 120 6.48 -2.22 3.92
CA ALA A 120 6.84 -2.96 2.72
C ALA A 120 5.60 -3.08 1.83
N HIS A 121 5.82 -3.00 0.52
CA HIS A 121 4.72 -2.95 -0.41
C HIS A 121 5.09 -3.73 -1.66
N LEU A 122 4.20 -4.63 -2.05
CA LEU A 122 4.36 -5.39 -3.28
C LEU A 122 3.61 -4.73 -4.44
N PHE A 123 4.27 -4.62 -5.58
CA PHE A 123 3.58 -4.25 -6.80
C PHE A 123 3.53 -5.47 -7.71
N THR A 124 2.32 -5.84 -8.12
CA THR A 124 2.15 -7.04 -8.90
C THR A 124 1.22 -6.78 -10.09
N TYR A 125 1.20 -7.73 -11.02
CA TYR A 125 0.34 -7.61 -12.19
C TYR A 125 -0.49 -8.89 -12.30
N GLN A 126 -1.66 -8.86 -11.68
CA GLN A 126 -2.60 -9.96 -11.79
C GLN A 126 -4.03 -9.48 -11.56
N ASP A 127 -4.98 -10.22 -12.13
CA ASP A 127 -6.34 -9.78 -12.30
C ASP A 127 -7.25 -10.36 -11.22
N PHE A 128 -7.17 -9.82 -10.00
CA PHE A 128 -7.95 -10.35 -8.89
C PHE A 128 -9.44 -10.30 -9.25
N ASP A 129 -10.21 -11.25 -8.73
CA ASP A 129 -11.65 -11.28 -8.98
C ASP A 129 -12.32 -9.95 -8.63
N MET A 130 -13.48 -9.70 -9.21
CA MET A 130 -14.41 -8.74 -8.66
C MET A 130 -13.89 -7.30 -8.70
N GLY A 131 -12.87 -7.06 -9.51
CA GLY A 131 -12.36 -5.72 -9.67
C GLY A 131 -11.47 -5.27 -8.52
N THR A 132 -10.95 -6.24 -7.77
CA THR A 132 -10.03 -5.94 -6.67
C THR A 132 -8.67 -5.49 -7.16
N LEU A 133 -8.17 -4.39 -6.61
CA LEU A 133 -6.95 -3.76 -7.11
C LEU A 133 -5.78 -3.93 -6.15
N GLY A 134 -6.09 -4.18 -4.88
CA GLY A 134 -5.04 -4.28 -3.88
C GLY A 134 -5.62 -4.39 -2.49
N LEU A 135 -4.75 -4.48 -1.50
CA LEU A 135 -5.15 -4.71 -0.12
C LEU A 135 -3.98 -4.34 0.79
N ALA A 136 -4.30 -3.98 2.03
CA ALA A 136 -3.28 -3.61 2.99
C ALA A 136 -3.86 -3.66 4.38
N TYR A 137 -3.00 -3.86 5.38
CA TYR A 137 -3.43 -3.89 6.76
C TYR A 137 -3.61 -2.49 7.33
N VAL A 138 -4.70 -2.28 8.06
CA VAL A 138 -5.00 -0.98 8.62
C VAL A 138 -4.14 -0.71 9.84
N GLY A 139 -3.50 0.45 9.86
CA GLY A 139 -2.67 0.82 10.99
C GLY A 139 -3.51 1.36 12.13
N SER A 140 -2.86 1.63 13.26
CA SER A 140 -3.57 2.02 14.47
C SER A 140 -2.63 2.71 15.43
N PRO A 141 -3.16 3.63 16.25
CA PRO A 141 -2.39 4.24 17.34
C PRO A 141 -2.18 3.28 18.51
N ARG A 142 -3.17 2.44 18.77
CA ARG A 142 -3.17 1.55 19.92
C ARG A 142 -1.80 0.90 20.13
N ALA A 143 -1.24 1.10 21.31
CA ALA A 143 0.10 0.63 21.63
C ALA A 143 0.31 -0.81 21.17
N ASN A 144 -0.71 -1.64 21.34
CA ASN A 144 -0.64 -3.02 20.88
C ASN A 144 -1.69 -3.32 19.81
N SER A 145 -1.45 -2.80 18.60
CA SER A 145 -2.26 -3.15 17.44
C SER A 145 -1.36 -3.86 16.45
N HIS A 146 -1.97 -4.55 15.50
CA HIS A 146 -1.20 -5.19 14.45
C HIS A 146 -1.59 -4.71 13.06
N GLY A 147 -0.59 -4.42 12.25
CA GLY A 147 -0.84 -3.95 10.90
C GLY A 147 -0.51 -2.48 10.74
N GLY A 148 0.01 -2.12 9.58
CA GLY A 148 0.22 -0.72 9.27
C GLY A 148 1.64 -0.22 9.47
N VAL A 149 1.79 1.11 9.53
CA VAL A 149 3.11 1.72 9.64
C VAL A 149 3.87 1.20 10.86
N CYS A 150 5.18 1.06 10.72
CA CYS A 150 6.09 0.65 11.80
C CYS A 150 6.07 -0.85 12.05
N PRO A 151 7.20 -1.53 11.77
CA PRO A 151 7.26 -2.97 11.99
C PRO A 151 7.00 -3.29 13.46
N LYS A 152 6.07 -4.21 13.71
CA LYS A 152 5.80 -4.67 15.06
C LYS A 152 5.64 -6.19 15.01
N ALA A 153 6.45 -6.90 15.80
CA ALA A 153 6.54 -8.34 15.68
C ALA A 153 5.24 -9.04 16.08
N TYR A 154 4.82 -9.98 15.24
CA TYR A 154 3.68 -10.83 15.54
C TYR A 154 4.05 -12.28 15.19
N TYR A 155 3.76 -13.20 16.10
CA TYR A 155 4.04 -14.62 15.89
C TYR A 155 2.79 -15.33 15.35
N SER A 156 2.90 -15.92 14.16
CA SER A 156 1.75 -16.21 13.29
C SER A 156 0.53 -16.95 13.88
N PRO A 157 0.65 -18.24 14.24
CA PRO A 157 1.64 -19.30 13.96
C PRO A 157 1.26 -20.16 12.76
N VAL A 158 0.82 -19.53 11.69
CA VAL A 158 0.62 -20.23 10.43
C VAL A 158 1.99 -20.44 9.80
N GLY A 159 2.65 -19.34 9.48
CA GLY A 159 4.09 -19.36 9.37
C GLY A 159 4.56 -19.56 10.79
N LYS A 160 5.77 -20.08 10.99
CA LYS A 160 6.18 -20.37 12.35
C LYS A 160 7.28 -19.41 12.79
N LYS A 161 7.04 -18.13 12.53
CA LYS A 161 8.05 -17.11 12.77
C LYS A 161 7.41 -15.77 13.04
N ASN A 162 8.25 -14.80 13.39
CA ASN A 162 7.80 -13.44 13.53
C ASN A 162 7.49 -12.88 12.17
N ILE A 163 6.32 -12.23 12.05
CA ILE A 163 6.03 -11.45 10.86
C ILE A 163 5.64 -10.04 11.24
N TYR A 164 5.76 -9.14 10.26
CA TYR A 164 5.35 -7.76 10.46
C TYR A 164 4.26 -7.44 9.45
N LEU A 165 3.21 -6.79 9.93
CA LEU A 165 2.02 -6.57 9.14
C LEU A 165 2.03 -5.14 8.60
N ASN A 166 3.24 -4.58 8.55
CA ASN A 166 3.47 -3.26 7.99
C ASN A 166 3.54 -3.38 6.46
N SER A 167 2.49 -3.94 5.87
CA SER A 167 2.56 -4.30 4.46
C SER A 167 1.25 -4.05 3.72
N GLY A 168 1.32 -4.14 2.41
CA GLY A 168 0.15 -3.98 1.54
C GLY A 168 0.61 -4.24 0.12
N LEU A 169 -0.33 -4.28 -0.82
CA LEU A 169 0.05 -4.56 -2.21
C LEU A 169 -0.79 -3.81 -3.24
N THR A 170 -0.22 -3.63 -4.43
CA THR A 170 -0.91 -2.98 -5.53
C THR A 170 -0.82 -3.80 -6.82
N SER A 171 -1.94 -3.99 -7.51
CA SER A 171 -1.91 -4.64 -8.81
C SER A 171 -2.28 -3.64 -9.90
N THR A 172 -1.47 -3.59 -10.94
CA THR A 172 -1.73 -2.70 -12.08
C THR A 172 -2.46 -3.40 -13.22
N LYS A 173 -3.12 -4.51 -12.93
CA LYS A 173 -4.01 -5.13 -13.90
C LYS A 173 -5.41 -5.26 -13.34
N ASN A 174 -6.40 -4.86 -14.12
CA ASN A 174 -7.80 -4.99 -13.70
C ASN A 174 -8.72 -5.22 -14.92
N TYR A 175 -9.64 -6.17 -14.79
CA TYR A 175 -10.52 -6.58 -15.88
C TYR A 175 -9.82 -6.62 -17.23
N GLY A 176 -8.73 -7.36 -17.31
CA GLY A 176 -8.13 -7.68 -18.60
C GLY A 176 -7.34 -6.54 -19.22
N LYS A 177 -6.90 -5.59 -18.39
CA LYS A 177 -6.21 -4.42 -18.92
C LYS A 177 -5.13 -3.94 -17.96
N THR A 178 -4.17 -3.19 -18.47
CA THR A 178 -3.30 -2.41 -17.60
C THR A 178 -4.09 -1.17 -17.21
N ILE A 179 -4.19 -0.90 -15.91
CA ILE A 179 -4.92 0.28 -15.46
C ILE A 179 -4.10 1.51 -15.82
N LEU A 180 -4.75 2.66 -15.95
CA LEU A 180 -4.02 3.91 -16.23
C LEU A 180 -3.08 4.22 -15.06
N THR A 181 -2.02 4.97 -15.36
CA THR A 181 -1.07 5.32 -14.31
C THR A 181 -1.74 6.22 -13.29
N LYS A 182 -2.67 7.05 -13.73
CA LYS A 182 -3.43 7.86 -12.79
C LYS A 182 -4.31 6.99 -11.89
N GLU A 183 -4.65 5.79 -12.35
CA GLU A 183 -5.37 4.86 -11.48
C GLU A 183 -4.46 4.12 -10.51
N ALA A 184 -3.28 3.74 -10.98
CA ALA A 184 -2.32 3.10 -10.09
C ALA A 184 -2.03 4.05 -8.94
N ASP A 185 -1.76 5.30 -9.26
CA ASP A 185 -1.46 6.29 -8.22
C ASP A 185 -2.47 6.19 -7.09
N LEU A 186 -3.76 6.10 -7.43
CA LEU A 186 -4.84 6.10 -6.45
C LEU A 186 -4.93 4.79 -5.70
N VAL A 187 -4.67 3.67 -6.39
CA VAL A 187 -4.68 2.39 -5.70
C VAL A 187 -3.64 2.38 -4.59
N THR A 188 -2.43 2.84 -4.90
CA THR A 188 -1.35 2.83 -3.91
C THR A 188 -1.59 3.86 -2.81
N THR A 189 -2.08 5.04 -3.21
CA THR A 189 -2.51 6.04 -2.22
C THR A 189 -3.42 5.39 -1.17
N HIS A 190 -4.40 4.63 -1.65
CA HIS A 190 -5.48 4.10 -0.83
C HIS A 190 -4.95 2.93 0.00
N GLU A 191 -4.17 2.06 -0.63
CA GLU A 191 -3.55 0.97 0.10
C GLU A 191 -2.59 1.47 1.17
N LEU A 192 -1.79 2.48 0.86
CA LEU A 192 -0.95 3.09 1.88
C LEU A 192 -1.81 3.87 2.89
N GLY A 193 -2.97 4.34 2.46
CA GLY A 193 -3.90 4.98 3.37
C GLY A 193 -4.35 4.02 4.47
N HIS A 194 -4.60 2.77 4.12
CA HIS A 194 -4.91 1.77 5.13
C HIS A 194 -3.73 1.57 6.10
N ASN A 195 -2.51 1.44 5.55
CA ASN A 195 -1.32 1.32 6.39
C ASN A 195 -1.24 2.50 7.35
N PHE A 196 -1.50 3.70 6.84
CA PHE A 196 -1.39 4.94 7.62
C PHE A 196 -2.53 5.11 8.63
N GLY A 197 -3.48 4.16 8.64
CA GLY A 197 -4.50 4.15 9.66
C GLY A 197 -5.94 4.43 9.22
N ALA A 198 -6.15 4.72 7.94
CA ALA A 198 -7.48 5.02 7.44
C ALA A 198 -8.32 3.79 7.17
N GLU A 199 -9.60 3.88 7.51
CA GLU A 199 -10.60 2.91 7.07
C GLU A 199 -11.25 3.42 5.79
N HIS A 200 -12.05 2.60 5.14
CA HIS A 200 -12.83 3.12 4.02
C HIS A 200 -13.78 4.20 4.51
N ASP A 201 -14.08 5.15 3.64
CA ASP A 201 -15.06 6.16 3.98
C ASP A 201 -16.42 5.49 4.15
N PRO A 202 -17.14 5.85 5.22
CA PRO A 202 -18.49 5.33 5.44
C PRO A 202 -19.42 5.88 4.36
N ASP A 203 -20.27 5.02 3.81
CA ASP A 203 -21.15 5.42 2.72
C ASP A 203 -22.21 6.38 3.21
N GLY A 204 -22.59 6.25 4.48
CA GLY A 204 -23.58 7.13 5.05
C GLY A 204 -23.08 8.56 5.13
N LEU A 205 -22.00 8.78 5.88
CA LEU A 205 -21.46 10.11 6.07
C LEU A 205 -21.39 10.83 4.73
N ALA A 206 -22.36 11.70 4.49
CA ALA A 206 -22.40 12.46 3.25
C ALA A 206 -21.13 13.28 3.12
N GLU A 207 -20.62 13.78 4.24
CA GLU A 207 -19.46 14.65 4.25
C GLU A 207 -18.18 13.99 3.74
N CYS A 208 -18.09 12.67 3.93
CA CYS A 208 -16.87 11.96 3.56
C CYS A 208 -17.09 11.01 2.37
N ALA A 209 -18.27 11.08 1.77
CA ALA A 209 -18.56 10.40 0.52
C ALA A 209 -19.53 11.25 -0.29
N PRO A 210 -19.06 12.42 -0.74
CA PRO A 210 -19.95 13.42 -1.37
C PRO A 210 -20.52 12.94 -2.70
N ASN A 211 -21.59 13.60 -3.15
CA ASN A 211 -22.12 13.39 -4.49
C ASN A 211 -21.19 13.98 -5.55
N GLU A 212 -21.49 13.71 -6.81
CA GLU A 212 -20.67 14.19 -7.91
C GLU A 212 -20.55 15.72 -7.97
N ASP A 213 -21.65 16.42 -7.75
CA ASP A 213 -21.61 17.88 -7.83
C ASP A 213 -21.00 18.52 -6.59
N GLN A 214 -20.56 17.68 -5.66
CA GLN A 214 -19.79 18.13 -4.51
C GLN A 214 -18.31 17.87 -4.73
N GLY A 215 -18.01 17.10 -5.76
CA GLY A 215 -16.63 16.80 -6.10
C GLY A 215 -16.39 15.31 -6.09
N GLY A 216 -17.47 14.55 -5.83
CA GLY A 216 -17.38 13.10 -5.86
C GLY A 216 -16.68 12.50 -4.65
N LYS A 217 -16.41 11.20 -4.72
CA LYS A 217 -15.85 10.45 -3.59
C LYS A 217 -14.37 10.73 -3.38
N TYR A 218 -13.89 10.43 -2.16
CA TYR A 218 -12.48 10.55 -1.82
C TYR A 218 -11.76 9.22 -2.00
N VAL A 219 -10.43 9.23 -1.85
CA VAL A 219 -9.62 8.10 -2.27
C VAL A 219 -9.83 6.83 -1.43
N MET A 220 -10.34 6.97 -0.21
CA MET A 220 -10.62 5.80 0.63
C MET A 220 -12.05 5.26 0.48
N TYR A 221 -12.74 5.65 -0.59
CA TYR A 221 -14.02 5.03 -0.87
C TYR A 221 -13.77 3.56 -1.20
N PRO A 222 -14.65 2.68 -0.70
CA PRO A 222 -14.49 1.23 -0.87
C PRO A 222 -14.52 0.75 -2.33
N ILE A 223 -15.32 1.42 -3.15
CA ILE A 223 -15.36 1.12 -4.58
C ILE A 223 -14.46 2.08 -5.36
N ALA A 224 -13.66 1.55 -6.27
CA ALA A 224 -12.66 2.35 -6.96
C ALA A 224 -13.27 3.59 -7.59
N VAL A 225 -12.64 4.74 -7.36
CA VAL A 225 -13.06 5.96 -8.01
C VAL A 225 -12.50 6.00 -9.43
N SER A 226 -13.13 6.76 -10.31
CA SER A 226 -12.68 6.84 -11.70
C SER A 226 -11.47 7.76 -11.80
N GLY A 227 -11.38 8.71 -10.87
CA GLY A 227 -10.17 9.49 -10.75
C GLY A 227 -10.29 10.92 -11.23
N ASP A 228 -11.37 11.25 -11.94
CA ASP A 228 -11.47 12.56 -12.56
C ASP A 228 -12.25 13.59 -11.74
N HIS A 229 -12.93 13.14 -10.69
CA HIS A 229 -13.69 14.04 -9.84
C HIS A 229 -12.77 14.71 -8.84
N GLU A 230 -13.06 15.97 -8.52
CA GLU A 230 -12.17 16.79 -7.70
C GLU A 230 -11.62 16.09 -6.46
N ASN A 231 -12.45 15.30 -5.80
CA ASN A 231 -12.11 14.72 -4.52
C ASN A 231 -11.34 13.40 -4.64
N ASN A 232 -11.36 12.81 -5.83
CA ASN A 232 -10.92 11.42 -5.99
C ASN A 232 -9.54 11.14 -5.44
N LYS A 233 -8.56 11.98 -5.73
CA LYS A 233 -7.20 11.70 -5.27
C LYS A 233 -6.89 12.31 -3.91
N MET A 234 -7.91 12.78 -3.20
CA MET A 234 -7.72 13.40 -1.88
C MET A 234 -8.25 12.55 -0.73
N PHE A 235 -7.81 12.86 0.48
CA PHE A 235 -8.32 12.18 1.66
C PHE A 235 -9.49 12.96 2.26
N SER A 236 -10.54 12.23 2.64
CA SER A 236 -11.69 12.79 3.34
C SER A 236 -11.30 13.14 4.78
N GLN A 237 -12.16 13.89 5.46
CA GLN A 237 -11.90 14.25 6.85
C GLN A 237 -11.88 13.00 7.72
N CYS A 238 -12.73 12.04 7.39
CA CYS A 238 -12.74 10.76 8.10
C CYS A 238 -11.34 10.16 8.05
N SER A 239 -10.80 10.03 6.86
CA SER A 239 -9.47 9.45 6.70
C SER A 239 -8.45 10.24 7.49
N LYS A 240 -8.56 11.58 7.49
CA LYS A 240 -7.56 12.40 8.16
C LYS A 240 -7.57 12.25 9.68
N GLN A 241 -8.75 12.08 10.27
CA GLN A 241 -8.87 11.86 11.71
C GLN A 241 -8.24 10.52 12.08
N SER A 242 -8.57 9.49 11.32
CA SER A 242 -8.04 8.15 11.58
C SER A 242 -6.52 8.15 11.41
N ILE A 243 -6.06 8.70 10.30
CA ILE A 243 -4.61 8.71 10.04
C ILE A 243 -3.86 9.59 11.03
N TYR A 244 -4.41 10.75 11.38
CA TYR A 244 -3.76 11.61 12.37
C TYR A 244 -3.57 10.86 13.67
N LYS A 245 -4.59 10.11 14.10
CA LYS A 245 -4.47 9.39 15.37
C LYS A 245 -3.32 8.40 15.29
N THR A 246 -3.28 7.62 14.20
CA THR A 246 -2.19 6.69 13.98
C THR A 246 -0.82 7.39 13.88
N ILE A 247 -0.72 8.38 12.99
CA ILE A 247 0.55 9.08 12.73
C ILE A 247 1.11 9.85 13.92
N GLU A 248 0.26 10.66 14.54
CA GLU A 248 0.68 11.45 15.69
C GLU A 248 1.49 10.56 16.63
N SER A 249 1.08 9.30 16.72
CA SER A 249 1.74 8.31 17.56
C SER A 249 2.89 7.61 16.81
N LYS A 250 2.54 6.88 15.76
CA LYS A 250 3.50 6.01 15.10
C LYS A 250 4.68 6.75 14.46
N ALA A 251 4.51 8.04 14.18
CA ALA A 251 5.60 8.81 13.57
C ALA A 251 6.82 8.86 14.50
N GLN A 252 6.57 9.16 15.77
CA GLN A 252 7.63 9.17 16.75
C GLN A 252 8.29 7.80 16.78
N GLU A 253 7.48 6.76 16.63
CA GLU A 253 7.99 5.40 16.66
C GLU A 253 9.00 5.11 15.55
N CYS A 254 8.63 5.32 14.30
CA CYS A 254 9.48 4.88 13.21
C CYS A 254 9.64 5.77 11.99
N PHE A 255 8.91 6.89 11.91
CA PHE A 255 9.15 7.81 10.80
C PHE A 255 10.54 8.39 10.91
N GLN A 256 11.10 8.83 9.79
CA GLN A 256 12.46 9.37 9.77
C GLN A 256 12.57 10.66 8.96
N GLU A 257 13.80 11.15 8.82
CA GLU A 257 14.09 12.29 7.97
C GLU A 257 14.14 11.78 6.55
N ARG A 258 14.01 12.68 5.57
CA ARG A 258 14.14 12.27 4.18
C ARG A 258 15.61 11.99 3.88
N SER A 259 15.88 10.82 3.29
CA SER A 259 17.25 10.32 3.24
C SER A 259 17.85 10.30 1.83
ZN ZN B . -9.43 -0.40 0.93
ZN ZN C . -9.28 -7.29 -11.57
C 440 D . -10.28 1.55 -4.32
C1 440 D . -10.84 0.28 -4.26
C2 440 D . -8.61 -0.70 -3.96
C3 440 D . -8.05 0.58 -4.01
C4 440 D . -8.88 1.71 -4.19
O 440 D . -8.28 2.96 -4.34
C5 440 D . -8.97 3.92 -5.15
C6 440 D . -8.64 3.65 -9.42
C7 440 D . -8.72 3.72 -7.90
C8 440 D . -8.79 3.79 -6.71
C9 440 D . -10.01 -0.84 -4.09
O1 440 D . -11.75 -2.47 -5.08
O2 440 D . -9.66 -3.40 -4.12
S 440 D . -10.73 -2.44 -4.08
C10 440 D . -11.58 -2.43 -2.51
C11 440 D . -10.67 -1.94 -1.39
C12 440 D . -9.79 -3.06 -0.87
S1 440 D . -8.42 -2.38 0.06
#